data_7W3Q
#
_entry.id   7W3Q
#
_cell.length_a   61.782
_cell.length_b   61.782
_cell.length_c   156.217
_cell.angle_alpha   90.000
_cell.angle_beta   90.000
_cell.angle_gamma   90.000
#
_symmetry.space_group_name_H-M   'P 41 21 2'
#
loop_
_entity.id
_entity.type
_entity.pdbx_description
1 polymer 'Nuclear receptor ROR-gamma'
2 polymer 'Peptide from Nuclear receptor coactivator 2'
3 non-polymer (3S,5R,6S,8R,9R,10R,12R,13R,14R,17S)-4,4,8,10,14-pentamethyl-17-[(2R)-6-methyl-2-oxidanyl-hept-5-en-2-yl]-2,3,5,6,7,9,11,12,13,15,16,17-dodecahydro-1H-cyclopenta[a]phenanthrene-3,6,12-triol
4 water water
#
loop_
_entity_poly.entity_id
_entity_poly.type
_entity_poly.pdbx_seq_one_letter_code
_entity_poly.pdbx_strand_id
1 'polypeptide(L)'
;APYASLTEIEHLVQSVCKSYRETCQLRLEDLLRQRSNIFSREEVTGYQRKSMWEMWERCAHHLTEAIQYVVEFAKRLSGF
MELCQNDQIVLLKAGAMEVVLVRMCRAYNADNRTVFFEGKYGGMELFRALGCSELISSIFDFSHSLSALHFSEDEIALYT
ALVLINAHRPGLQEKRKVEQLQYNLELAFHHHLCKTHRQSILAKLPPKGKLRSLCSQHVERLQIFQHLHPIVVQAAFPPL
YKELFS
;
A
2 'polypeptide(L)' KHKILHRLLQDSS C
#
loop_
_chem_comp.id
_chem_comp.type
_chem_comp.name
_chem_comp.formula
97I non-polymer (3S,5R,6S,8R,9R,10R,12R,13R,14R,17S)-4,4,8,10,14-pentamethyl-17-[(2R)-6-methyl-2-oxidanyl-hept-5-en-2-yl]-2,3,5,6,7,9,11,12,13,15,16,17-dodecahydro-1H-cyclopenta[a]phenanthrene-3,6,12-triol 'C30 H52 O4'
#
# COMPACT_ATOMS: atom_id res chain seq x y z
N ALA A 4 -14.84 18.34 -20.27
CA ALA A 4 -13.40 18.27 -19.95
C ALA A 4 -12.55 18.81 -21.17
N SER A 5 -11.26 18.93 -20.92
CA SER A 5 -10.30 19.45 -21.85
C SER A 5 -9.00 18.99 -21.26
N LEU A 6 -7.96 19.06 -22.06
CA LEU A 6 -6.68 18.64 -21.66
C LEU A 6 -6.19 19.38 -20.46
N THR A 7 -6.41 20.70 -20.37
CA THR A 7 -5.87 21.45 -19.20
C THR A 7 -6.48 20.88 -17.92
N GLU A 8 -7.77 20.59 -17.92
CA GLU A 8 -8.40 20.16 -16.73
C GLU A 8 -7.85 18.78 -16.32
N ILE A 9 -7.65 17.90 -17.28
CA ILE A 9 -7.07 16.57 -17.00
C ILE A 9 -5.67 16.66 -16.47
N GLU A 10 -4.86 17.46 -17.12
CA GLU A 10 -3.51 17.68 -16.65
C GLU A 10 -3.42 18.35 -15.29
N HIS A 11 -4.43 19.13 -14.97
CA HIS A 11 -4.47 19.67 -13.60
C HIS A 11 -4.70 18.53 -12.59
N LEU A 12 -5.56 17.57 -12.93
CA LEU A 12 -5.78 16.44 -12.06
C LEU A 12 -4.53 15.67 -11.87
N VAL A 13 -3.77 15.46 -12.94
CA VAL A 13 -2.51 14.71 -12.82
C VAL A 13 -1.57 15.37 -11.81
N GLN A 14 -1.33 16.67 -11.97
CA GLN A 14 -0.44 17.40 -11.06
C GLN A 14 -0.92 17.44 -9.62
N SER A 15 -2.22 17.58 -9.43
CA SER A 15 -2.81 17.55 -8.12
C SER A 15 -2.61 16.16 -7.41
N VAL A 16 -2.83 15.08 -8.13
CA VAL A 16 -2.60 13.70 -7.57
C VAL A 16 -1.13 13.48 -7.25
N CYS A 17 -0.23 13.88 -8.15
CA CYS A 17 1.20 13.74 -7.88
C CYS A 17 1.73 14.50 -6.68
N LYS A 18 1.24 15.70 -6.51
CA LYS A 18 1.53 16.46 -5.34
C LYS A 18 0.99 15.79 -4.06
N SER A 19 -0.24 15.29 -4.09
CA SER A 19 -0.81 14.67 -2.91
C SER A 19 0.01 13.49 -2.47
N TYR A 20 0.47 12.75 -3.45
CA TYR A 20 1.33 11.62 -3.25
C TYR A 20 2.65 12.05 -2.59
N ARG A 21 3.29 13.04 -3.15
CA ARG A 21 4.55 13.57 -2.67
C ARG A 21 4.53 14.03 -1.22
N GLU A 22 3.44 14.59 -0.81
CA GLU A 22 3.29 15.10 0.53
C GLU A 22 2.87 14.03 1.51
N THR A 23 2.54 12.82 1.04
CA THR A 23 2.04 11.81 1.94
C THR A 23 2.86 10.54 1.84
N CYS A 24 4.07 10.66 1.40
CA CYS A 24 4.86 9.48 1.26
C CYS A 24 5.39 8.79 2.48
N GLN A 25 5.93 9.54 3.38
CA GLN A 25 6.53 8.86 4.54
C GLN A 25 8.03 8.86 4.32
N LEU A 26 8.48 8.07 3.35
CA LEU A 26 9.91 7.98 3.00
C LEU A 26 10.13 8.44 1.58
N ARG A 27 11.08 9.33 1.43
CA ARG A 27 11.27 9.93 0.12
C ARG A 27 12.09 8.94 -0.69
N LEU A 28 11.85 8.88 -1.99
CA LEU A 28 12.52 7.89 -2.82
C LEU A 28 14.08 7.94 -2.73
N GLU A 29 14.63 9.15 -2.71
CA GLU A 29 16.09 9.34 -2.68
C GLU A 29 16.72 8.79 -1.37
N ASP A 30 16.00 8.92 -0.25
CA ASP A 30 16.39 8.32 1.04
C ASP A 30 16.51 6.84 0.91
N LEU A 31 15.52 6.22 0.25
CA LEU A 31 15.53 4.78 0.06
C LEU A 31 16.67 4.35 -0.84
N LEU A 32 16.94 5.10 -1.90
CA LEU A 32 18.05 4.77 -2.82
C LEU A 32 19.43 4.84 -2.17
N ARG A 33 19.67 5.91 -1.45
CA ARG A 33 20.93 6.17 -0.72
C ARG A 33 21.29 5.14 0.37
N GLN A 34 20.34 4.28 0.78
CA GLN A 34 20.59 3.22 1.76
C GLN A 34 20.78 1.87 1.21
N ARG A 35 20.83 1.72 -0.12
CA ARG A 35 20.81 0.38 -0.75
C ARG A 35 21.98 -0.49 -0.40
N SER A 36 23.12 0.11 -0.09
CA SER A 36 24.28 -0.67 0.39
C SER A 36 24.22 -1.06 1.85
N ASN A 37 23.24 -0.56 2.60
CA ASN A 37 23.15 -0.80 4.04
C ASN A 37 22.21 -2.02 4.18
N ILE A 38 22.82 -3.19 4.21
CA ILE A 38 22.19 -4.49 4.26
C ILE A 38 22.43 -5.18 5.61
N PHE A 39 21.40 -5.77 6.15
CA PHE A 39 21.56 -6.52 7.37
C PHE A 39 22.61 -7.60 7.21
N SER A 40 23.42 -7.72 8.26
CA SER A 40 24.41 -8.76 8.36
C SER A 40 23.73 -10.10 8.64
N ARG A 41 24.44 -11.19 8.37
CA ARG A 41 23.98 -12.54 8.64
C ARG A 41 23.53 -12.72 10.12
N GLU A 42 24.28 -12.12 11.05
CA GLU A 42 23.95 -12.16 12.46
C GLU A 42 22.66 -11.33 12.75
N GLU A 43 22.45 -10.20 12.07
CA GLU A 43 21.23 -9.40 12.32
C GLU A 43 19.99 -10.17 11.81
N VAL A 44 20.14 -10.81 10.65
CA VAL A 44 19.17 -11.66 10.05
C VAL A 44 18.78 -12.76 11.02
N THR A 45 19.78 -13.44 11.53
CA THR A 45 19.60 -14.52 12.55
C THR A 45 18.87 -14.03 13.79
N GLY A 46 19.20 -12.85 14.24
CA GLY A 46 18.51 -12.19 15.32
C GLY A 46 17.05 -12.03 14.99
N TYR A 47 16.71 -11.56 13.78
CA TYR A 47 15.25 -11.45 13.45
C TYR A 47 14.55 -12.79 13.41
N GLN A 48 15.24 -13.78 12.87
CA GLN A 48 14.69 -15.11 12.76
C GLN A 48 14.45 -15.76 14.06
N ARG A 49 15.20 -15.41 15.09
CA ARG A 49 15.01 -16.04 16.39
C ARG A 49 13.98 -15.36 17.25
N LYS A 50 13.37 -14.26 16.80
CA LYS A 50 12.34 -13.57 17.58
C LYS A 50 11.13 -14.47 17.66
N SER A 51 10.35 -14.36 18.71
CA SER A 51 9.11 -15.11 18.78
C SER A 51 8.14 -14.65 17.70
N MET A 52 7.30 -15.58 17.26
CA MET A 52 6.29 -15.27 16.27
C MET A 52 5.43 -14.09 16.72
N TRP A 53 5.03 -14.08 18.00
CA TRP A 53 4.14 -12.98 18.41
C TRP A 53 4.84 -11.64 18.44
N GLU A 54 6.11 -11.63 18.72
CA GLU A 54 6.81 -10.39 18.73
C GLU A 54 7.01 -9.84 17.33
N MET A 55 7.32 -10.72 16.39
CA MET A 55 7.53 -10.32 15.00
C MET A 55 6.22 -9.82 14.40
N TRP A 56 5.11 -10.47 14.74
CA TRP A 56 3.81 -9.99 14.30
C TRP A 56 3.48 -8.60 14.76
N GLU A 57 3.69 -8.36 16.04
CA GLU A 57 3.43 -7.02 16.64
C GLU A 57 4.31 -5.95 15.99
N ARG A 58 5.58 -6.24 15.75
CA ARG A 58 6.42 -5.24 15.13
C ARG A 58 5.98 -4.97 13.72
N CYS A 59 5.72 -6.00 12.99
CA CYS A 59 5.30 -5.83 11.60
C CYS A 59 3.95 -5.08 11.50
N ALA A 60 2.96 -5.46 12.27
CA ALA A 60 1.72 -4.77 12.27
C ALA A 60 1.81 -3.28 12.64
N HIS A 61 2.70 -2.96 13.57
CA HIS A 61 3.05 -1.60 13.88
C HIS A 61 3.55 -0.86 12.65
N HIS A 62 4.53 -1.39 11.95
CA HIS A 62 5.06 -0.65 10.78
C HIS A 62 4.00 -0.57 9.67
N LEU A 63 3.19 -1.61 9.54
CA LEU A 63 2.18 -1.59 8.54
C LEU A 63 1.18 -0.52 8.88
N THR A 64 0.84 -0.38 10.15
CA THR A 64 -0.18 0.56 10.56
C THR A 64 0.27 1.97 10.31
N GLU A 65 1.51 2.27 10.62
CA GLU A 65 2.13 3.57 10.29
C GLU A 65 2.05 3.86 8.80
N ALA A 66 2.41 2.89 7.97
CA ALA A 66 2.19 3.00 6.50
C ALA A 66 0.77 3.31 6.08
N ILE A 67 -0.21 2.60 6.63
CA ILE A 67 -1.61 2.84 6.40
C ILE A 67 -2.02 4.24 6.79
N GLN A 68 -1.45 4.80 7.84
CA GLN A 68 -1.80 6.17 8.26
C GLN A 68 -1.43 7.21 7.20
N TYR A 69 -0.34 7.01 6.50
CA TYR A 69 0.04 7.84 5.38
C TYR A 69 -0.87 7.68 4.18
N VAL A 70 -1.36 6.46 3.99
CA VAL A 70 -2.35 6.21 2.94
C VAL A 70 -3.65 6.98 3.20
N VAL A 71 -4.08 7.01 4.46
CA VAL A 71 -5.26 7.79 4.84
C VAL A 71 -5.09 9.25 4.51
N GLU A 72 -3.90 9.79 4.76
CA GLU A 72 -3.65 11.19 4.46
C GLU A 72 -3.65 11.48 2.97
N PHE A 73 -3.04 10.59 2.20
CA PHE A 73 -3.16 10.58 0.71
C PHE A 73 -4.61 10.61 0.26
N ALA A 74 -5.43 9.77 0.86
CA ALA A 74 -6.87 9.75 0.50
C ALA A 74 -7.53 11.07 0.77
N LYS A 75 -7.22 11.64 1.91
CA LYS A 75 -7.90 12.89 2.30
C LYS A 75 -7.50 14.05 1.41
N ARG A 76 -6.31 14.03 0.84
CA ARG A 76 -5.90 15.04 -0.15
C ARG A 76 -6.35 14.74 -1.58
N LEU A 77 -6.87 13.56 -1.84
CA LEU A 77 -7.34 13.25 -3.20
C LEU A 77 -8.60 13.95 -3.51
N SER A 78 -8.48 14.77 -4.53
CA SER A 78 -9.55 15.54 -5.09
C SER A 78 -10.79 14.67 -5.31
N GLY A 79 -11.92 15.06 -4.73
CA GLY A 79 -13.13 14.27 -4.81
C GLY A 79 -13.38 13.37 -3.59
N PHE A 80 -12.30 12.89 -2.96
CA PHE A 80 -12.46 11.93 -1.90
C PHE A 80 -13.23 12.42 -0.71
N MET A 81 -12.89 13.60 -0.22
CA MET A 81 -13.59 14.16 0.94
C MET A 81 -15.06 14.58 0.68
N GLU A 82 -15.48 14.69 -0.58
CA GLU A 82 -16.87 15.08 -0.96
C GLU A 82 -17.81 13.86 -1.01
N LEU A 83 -17.24 12.64 -1.11
CA LEU A 83 -18.02 11.43 -0.91
C LEU A 83 -18.52 11.41 0.51
N CYS A 84 -19.61 10.71 0.74
CA CYS A 84 -20.11 10.54 2.10
C CYS A 84 -19.14 9.72 2.90
N GLN A 85 -19.25 9.79 4.24
CA GLN A 85 -18.23 9.17 5.14
C GLN A 85 -18.34 7.67 5.04
N ASN A 86 -19.53 7.14 4.77
CA ASN A 86 -19.69 5.71 4.70
C ASN A 86 -18.82 5.23 3.56
N ASP A 87 -18.82 5.97 2.44
CA ASP A 87 -18.08 5.57 1.26
C ASP A 87 -16.57 5.78 1.43
N GLN A 88 -16.18 6.83 2.12
CA GLN A 88 -14.77 7.06 2.47
C GLN A 88 -14.19 5.86 3.23
N ILE A 89 -14.97 5.31 4.16
CA ILE A 89 -14.56 4.20 4.99
C ILE A 89 -14.52 2.88 4.23
N VAL A 90 -15.57 2.61 3.46
CA VAL A 90 -15.55 1.45 2.56
C VAL A 90 -14.29 1.39 1.69
N LEU A 91 -13.99 2.52 1.07
CA LEU A 91 -12.86 2.60 0.14
C LEU A 91 -11.51 2.40 0.82
N LEU A 92 -11.38 2.99 2.02
CA LEU A 92 -10.17 2.79 2.81
C LEU A 92 -9.99 1.42 3.39
N LYS A 93 -11.07 0.80 3.85
CA LYS A 93 -10.98 -0.56 4.35
C LYS A 93 -10.57 -1.54 3.30
N ALA A 94 -11.14 -1.42 2.11
CA ALA A 94 -10.76 -2.37 1.05
C ALA A 94 -9.44 -1.97 0.37
N GLY A 95 -9.12 -0.68 0.37
CA GLY A 95 -8.05 -0.18 -0.49
C GLY A 95 -6.71 0.07 0.18
N ALA A 96 -6.69 0.32 1.47
CA ALA A 96 -5.45 0.86 2.05
C ALA A 96 -4.28 -0.13 2.02
N MET A 97 -4.56 -1.39 2.35
CA MET A 97 -3.54 -2.41 2.24
C MET A 97 -2.97 -2.59 0.80
N GLU A 98 -3.87 -2.52 -0.18
CA GLU A 98 -3.49 -2.60 -1.58
C GLU A 98 -2.58 -1.46 -1.95
N VAL A 99 -2.93 -0.27 -1.50
CA VAL A 99 -2.01 0.88 -1.69
C VAL A 99 -0.63 0.62 -1.11
N VAL A 100 -0.54 0.12 0.09
CA VAL A 100 0.77 -0.07 0.74
C VAL A 100 1.60 -1.08 -0.09
N LEU A 101 0.95 -2.12 -0.57
CA LEU A 101 1.57 -3.17 -1.30
C LEU A 101 2.09 -2.63 -2.62
N VAL A 102 1.41 -1.67 -3.21
CA VAL A 102 1.98 -1.03 -4.40
C VAL A 102 3.12 -0.12 -3.99
N ARG A 103 2.88 0.76 -2.97
CA ARG A 103 3.89 1.70 -2.52
C ARG A 103 5.19 1.04 -2.06
N MET A 104 5.15 -0.18 -1.59
CA MET A 104 6.39 -0.83 -1.16
C MET A 104 7.41 -1.17 -2.27
N CYS A 105 6.99 -1.19 -3.55
CA CYS A 105 7.95 -1.40 -4.58
C CYS A 105 9.05 -0.30 -4.58
N ARG A 106 8.79 0.87 -4.04
CA ARG A 106 9.82 1.89 -3.88
C ARG A 106 10.97 1.49 -2.92
N ALA A 107 10.63 0.65 -1.94
CA ALA A 107 11.51 0.29 -0.86
C ALA A 107 12.13 -1.04 -1.18
N TYR A 108 11.89 -1.56 -2.38
CA TYR A 108 12.33 -2.87 -2.77
C TYR A 108 13.50 -2.70 -3.77
N ASN A 109 14.59 -3.44 -3.55
CA ASN A 109 15.73 -3.41 -4.46
C ASN A 109 15.74 -4.71 -5.27
N ALA A 110 15.38 -4.64 -6.54
CA ALA A 110 15.22 -5.87 -7.28
C ALA A 110 16.56 -6.55 -7.65
N ASP A 111 17.67 -5.80 -7.59
CA ASP A 111 19.04 -6.35 -7.82
C ASP A 111 19.47 -7.40 -6.83
N ASN A 112 19.05 -7.28 -5.57
CA ASN A 112 19.35 -8.37 -4.62
C ASN A 112 18.10 -8.84 -3.88
N ARG A 113 16.92 -8.36 -4.30
CA ARG A 113 15.65 -8.84 -3.74
C ARG A 113 15.54 -8.58 -2.22
N THR A 114 15.84 -7.36 -1.83
CA THR A 114 15.69 -6.96 -0.48
C THR A 114 14.72 -5.81 -0.36
N VAL A 115 14.23 -5.63 0.88
CA VAL A 115 13.38 -4.55 1.21
C VAL A 115 13.93 -3.78 2.38
N PHE A 116 13.72 -2.49 2.39
CA PHE A 116 14.14 -1.59 3.47
C PHE A 116 13.21 -1.70 4.64
N PHE A 117 13.70 -2.28 5.74
CA PHE A 117 12.90 -2.59 6.93
C PHE A 117 13.70 -2.25 8.20
N GLU A 118 13.15 -1.36 9.04
CA GLU A 118 13.80 -0.91 10.31
C GLU A 118 15.27 -0.54 10.10
N GLY A 119 15.52 0.27 9.09
CA GLY A 119 16.80 0.92 8.88
C GLY A 119 17.82 0.26 7.97
N LYS A 120 17.58 -0.95 7.52
CA LYS A 120 18.46 -1.56 6.56
C LYS A 120 17.65 -2.38 5.57
N TYR A 121 18.29 -2.76 4.48
CA TYR A 121 17.73 -3.70 3.53
C TYR A 121 17.94 -5.16 3.92
N GLY A 122 16.91 -5.94 3.77
CA GLY A 122 17.03 -7.40 3.96
C GLY A 122 16.12 -8.18 3.11
N GLY A 123 16.48 -9.44 2.98
CA GLY A 123 15.80 -10.40 2.09
C GLY A 123 14.59 -10.96 2.79
N MET A 124 13.76 -11.64 2.05
CA MET A 124 12.53 -12.21 2.63
C MET A 124 12.74 -13.14 3.80
N GLU A 125 13.91 -13.78 3.86
CA GLU A 125 14.29 -14.61 5.04
C GLU A 125 14.34 -13.89 6.38
N LEU A 126 14.46 -12.58 6.36
CA LEU A 126 14.28 -11.82 7.54
C LEU A 126 12.94 -12.05 8.26
N PHE A 127 11.91 -12.46 7.53
CA PHE A 127 10.52 -12.47 8.05
C PHE A 127 10.07 -13.87 8.39
N ARG A 128 11.02 -14.80 8.41
CA ARG A 128 10.69 -16.22 8.70
C ARG A 128 9.93 -16.53 9.98
N ALA A 129 10.18 -15.76 11.04
CA ALA A 129 9.55 -15.97 12.28
C ALA A 129 8.06 -15.69 12.20
N LEU A 130 7.58 -15.02 11.13
CA LEU A 130 6.13 -14.79 11.01
C LEU A 130 5.32 -16.05 10.80
N GLY A 131 5.96 -17.08 10.25
CA GLY A 131 5.26 -18.26 9.82
C GLY A 131 4.33 -18.01 8.63
N CYS A 132 4.69 -17.21 7.63
CA CYS A 132 3.82 -17.11 6.43
C CYS A 132 4.62 -16.85 5.20
N SER A 133 5.48 -17.84 4.95
CA SER A 133 6.42 -17.80 3.86
C SER A 133 5.76 -17.64 2.51
N GLU A 134 4.59 -18.26 2.35
CA GLU A 134 3.85 -18.25 1.08
C GLU A 134 3.32 -16.81 0.77
N LEU A 135 2.79 -16.14 1.76
CA LEU A 135 2.33 -14.77 1.57
C LEU A 135 3.52 -13.85 1.35
N ILE A 136 4.57 -14.07 2.11
CA ILE A 136 5.73 -13.23 2.05
C ILE A 136 6.37 -13.36 0.70
N SER A 137 6.55 -14.61 0.30
CA SER A 137 7.07 -14.89 -1.05
C SER A 137 6.24 -14.19 -2.20
N SER A 138 4.93 -14.30 -2.11
CA SER A 138 4.07 -13.63 -3.11
C SER A 138 4.15 -12.11 -3.04
N ILE A 139 4.26 -11.52 -1.86
CA ILE A 139 4.46 -10.05 -1.77
C ILE A 139 5.76 -9.64 -2.43
N PHE A 140 6.80 -10.39 -2.16
CA PHE A 140 8.12 -10.07 -2.68
C PHE A 140 8.12 -10.20 -4.24
N ASP A 141 7.55 -11.27 -4.76
CA ASP A 141 7.33 -11.42 -6.21
C ASP A 141 6.48 -10.31 -6.79
N PHE A 142 5.39 -9.96 -6.11
CA PHE A 142 4.59 -8.87 -6.59
C PHE A 142 5.44 -7.62 -6.75
N SER A 143 6.25 -7.30 -5.73
CA SER A 143 7.11 -6.13 -5.81
C SER A 143 8.17 -6.26 -6.92
N HIS A 144 8.68 -7.45 -7.12
CA HIS A 144 9.66 -7.68 -8.20
C HIS A 144 9.02 -7.36 -9.53
N SER A 145 7.76 -7.79 -9.72
CA SER A 145 7.01 -7.47 -10.97
C SER A 145 6.87 -6.03 -11.21
N LEU A 146 6.51 -5.31 -10.15
CA LEU A 146 6.31 -3.89 -10.28
C LEU A 146 7.59 -3.11 -10.53
N SER A 147 8.68 -3.55 -9.91
CA SER A 147 10.02 -2.98 -10.09
C SER A 147 10.53 -3.09 -11.52
N ALA A 148 10.20 -4.17 -12.19
CA ALA A 148 10.56 -4.39 -13.58
C ALA A 148 9.92 -3.41 -14.60
N LEU A 149 8.76 -2.87 -14.25
CA LEU A 149 8.15 -1.75 -14.95
C LEU A 149 8.85 -0.39 -14.81
N HIS A 150 9.76 -0.23 -13.83
CA HIS A 150 10.38 1.09 -13.56
C HIS A 150 9.41 2.23 -13.37
N PHE A 151 8.44 2.05 -12.53
CA PHE A 151 7.52 3.14 -12.23
C PHE A 151 8.19 4.47 -11.88
N SER A 152 7.71 5.57 -12.41
CA SER A 152 8.12 6.86 -11.96
C SER A 152 7.26 7.20 -10.72
N GLU A 153 7.62 8.25 -10.02
CA GLU A 153 6.79 8.65 -8.87
C GLU A 153 5.39 9.11 -9.29
N ASP A 154 5.29 9.71 -10.45
CA ASP A 154 4.01 10.14 -10.98
C ASP A 154 3.11 8.95 -11.35
N GLU A 155 3.70 7.89 -11.88
CA GLU A 155 2.94 6.73 -12.24
C GLU A 155 2.42 6.02 -11.03
N ILE A 156 3.20 5.97 -9.97
CA ILE A 156 2.78 5.31 -8.73
C ILE A 156 1.67 6.14 -8.15
N ALA A 157 1.81 7.45 -8.17
CA ALA A 157 0.75 8.28 -7.61
C ALA A 157 -0.61 8.06 -8.25
N LEU A 158 -0.59 8.01 -9.55
CA LEU A 158 -1.84 7.90 -10.32
C LEU A 158 -2.39 6.53 -10.22
N TYR A 159 -1.52 5.54 -10.29
CA TYR A 159 -1.98 4.18 -10.15
C TYR A 159 -2.57 3.93 -8.78
N THR A 160 -1.88 4.36 -7.69
CA THR A 160 -2.41 4.18 -6.33
C THR A 160 -3.72 4.95 -6.12
N ALA A 161 -3.88 6.12 -6.71
CA ALA A 161 -5.17 6.74 -6.64
C ALA A 161 -6.28 5.86 -7.17
N LEU A 162 -6.01 5.20 -8.29
CA LEU A 162 -6.98 4.33 -8.86
C LEU A 162 -7.25 3.03 -8.07
N VAL A 163 -6.22 2.51 -7.43
CA VAL A 163 -6.41 1.36 -6.52
C VAL A 163 -7.41 1.73 -5.43
N LEU A 164 -7.30 2.94 -4.91
CA LEU A 164 -8.14 3.36 -3.83
C LEU A 164 -9.55 3.75 -4.31
N ILE A 165 -9.65 4.48 -5.42
CA ILE A 165 -10.95 4.93 -5.93
C ILE A 165 -11.51 3.92 -6.91
N ASN A 166 -12.21 2.95 -6.35
CA ASN A 166 -12.63 1.76 -7.10
C ASN A 166 -14.14 1.69 -6.86
N ALA A 167 -14.93 1.93 -7.88
CA ALA A 167 -16.39 1.95 -7.72
C ALA A 167 -17.11 0.55 -7.57
N HIS A 168 -16.34 -0.51 -7.66
CA HIS A 168 -16.80 -1.86 -7.47
C HIS A 168 -16.72 -2.38 -6.05
N ARG A 169 -16.17 -1.60 -5.08
CA ARG A 169 -16.12 -2.03 -3.70
C ARG A 169 -17.55 -2.28 -3.18
N PRO A 170 -17.78 -3.47 -2.61
CA PRO A 170 -19.14 -3.72 -2.05
C PRO A 170 -19.36 -2.84 -0.81
N GLY A 171 -20.56 -2.29 -0.67
CA GLY A 171 -20.93 -1.52 0.49
C GLY A 171 -21.08 -0.05 0.18
N LEU A 172 -20.72 0.37 -1.04
CA LEU A 172 -20.78 1.82 -1.42
C LEU A 172 -22.23 2.25 -1.54
N GLN A 173 -22.63 3.30 -0.86
CA GLN A 173 -23.97 3.87 -0.97
C GLN A 173 -24.21 4.74 -2.20
N GLU A 174 -23.20 5.49 -2.68
CA GLU A 174 -23.36 6.33 -3.90
C GLU A 174 -22.30 5.90 -4.91
N LYS A 175 -22.54 4.76 -5.52
CA LYS A 175 -21.56 4.10 -6.38
C LYS A 175 -21.34 4.86 -7.67
N ARG A 176 -22.35 5.62 -8.11
CA ARG A 176 -22.24 6.58 -9.25
C ARG A 176 -21.20 7.65 -9.08
N LYS A 177 -21.22 8.29 -7.93
CA LYS A 177 -20.25 9.34 -7.61
C LYS A 177 -18.80 8.83 -7.62
N VAL A 178 -18.60 7.64 -7.07
CA VAL A 178 -17.30 7.04 -7.09
C VAL A 178 -16.89 6.67 -8.54
N GLU A 179 -17.80 6.08 -9.32
CA GLU A 179 -17.55 5.80 -10.73
C GLU A 179 -17.07 7.02 -11.52
N GLN A 180 -17.68 8.15 -11.27
CA GLN A 180 -17.28 9.38 -11.93
C GLN A 180 -15.87 9.79 -11.56
N LEU A 181 -15.55 9.80 -10.25
CA LEU A 181 -14.17 10.00 -9.82
C LEU A 181 -13.17 9.06 -10.41
N GLN A 182 -13.54 7.78 -10.48
CA GLN A 182 -12.64 6.77 -10.99
C GLN A 182 -12.36 6.96 -12.46
N TYR A 183 -13.38 7.22 -13.23
CA TYR A 183 -13.23 7.47 -14.65
C TYR A 183 -12.36 8.72 -14.88
N ASN A 184 -12.52 9.77 -14.07
CA ASN A 184 -11.63 10.98 -14.27
C ASN A 184 -10.19 10.71 -13.94
N LEU A 185 -9.98 9.94 -12.87
CA LEU A 185 -8.63 9.45 -12.56
C LEU A 185 -8.06 8.50 -13.63
N GLU A 186 -8.88 7.67 -14.19
CA GLU A 186 -8.40 6.78 -15.24
C GLU A 186 -7.94 7.57 -16.50
N LEU A 187 -8.71 8.56 -16.86
CA LEU A 187 -8.38 9.42 -17.97
C LEU A 187 -7.09 10.15 -17.74
N ALA A 188 -6.93 10.70 -16.54
CA ALA A 188 -5.71 11.39 -16.16
C ALA A 188 -4.46 10.47 -16.21
N PHE A 189 -4.59 9.28 -15.65
CA PHE A 189 -3.49 8.30 -15.75
C PHE A 189 -3.16 7.96 -17.18
N HIS A 190 -4.16 7.61 -17.98
CA HIS A 190 -3.89 7.20 -19.37
C HIS A 190 -3.36 8.40 -20.14
N HIS A 191 -3.87 9.58 -19.85
CA HIS A 191 -3.34 10.81 -20.53
C HIS A 191 -1.88 10.98 -20.28
N HIS A 192 -1.48 10.85 -19.01
CA HIS A 192 -0.13 11.01 -18.63
C HIS A 192 0.77 9.98 -19.25
N LEU A 193 0.33 8.72 -19.26
CA LEU A 193 1.07 7.70 -19.99
C LEU A 193 1.24 7.97 -21.49
N CYS A 194 0.19 8.45 -22.12
CA CYS A 194 0.24 8.72 -23.56
C CYS A 194 1.26 9.87 -23.78
N LYS A 195 1.15 10.95 -23.01
CA LYS A 195 2.12 12.05 -23.10
C LYS A 195 3.55 11.65 -22.82
N THR A 196 3.80 10.70 -21.93
CA THR A 196 5.21 10.33 -21.61
C THR A 196 5.71 9.08 -22.34
N HIS A 197 4.96 8.62 -23.35
CA HIS A 197 5.29 7.45 -24.15
C HIS A 197 5.42 6.20 -23.31
N ARG A 198 4.57 6.04 -22.33
CA ARG A 198 4.64 4.89 -21.47
C ARG A 198 3.43 3.97 -21.49
N GLN A 199 2.61 4.06 -22.50
CA GLN A 199 1.43 3.21 -22.57
C GLN A 199 1.72 1.71 -22.60
N SER A 200 2.91 1.32 -23.01
CA SER A 200 3.29 -0.09 -22.94
C SER A 200 3.11 -0.71 -21.55
N ILE A 201 3.15 0.08 -20.44
CA ILE A 201 3.03 -0.51 -19.11
C ILE A 201 1.63 -1.04 -18.84
N LEU A 202 0.61 -0.60 -19.62
CA LEU A 202 -0.81 -0.91 -19.31
C LEU A 202 -0.98 -2.40 -19.28
N ALA A 203 -0.40 -3.04 -20.27
CA ALA A 203 -0.40 -4.47 -20.44
C ALA A 203 0.27 -5.24 -19.30
N LYS A 204 1.24 -4.60 -18.65
CA LYS A 204 2.13 -5.27 -17.70
C LYS A 204 1.67 -5.03 -16.25
N LEU A 205 0.69 -4.19 -16.03
CA LEU A 205 0.23 -3.97 -14.68
C LEU A 205 -0.47 -5.22 -14.13
N PRO A 206 -0.44 -5.43 -12.82
CA PRO A 206 -1.00 -6.71 -12.32
C PRO A 206 -2.51 -6.87 -12.54
N PRO A 207 -2.97 -8.09 -12.85
CA PRO A 207 -4.41 -8.32 -12.86
C PRO A 207 -4.97 -8.00 -11.46
N GLY A 209 -7.32 -9.13 -9.66
CA GLY A 209 -7.43 -10.30 -8.78
C GLY A 209 -6.16 -10.51 -7.99
N LYS A 210 -5.03 -10.03 -8.49
CA LYS A 210 -3.75 -10.22 -7.82
C LYS A 210 -3.67 -9.49 -6.44
N LEU A 211 -4.03 -8.20 -6.43
CA LEU A 211 -4.07 -7.42 -5.22
C LEU A 211 -5.09 -8.00 -4.23
N ARG A 212 -6.20 -8.42 -4.78
CA ARG A 212 -7.24 -8.98 -3.98
C ARG A 212 -6.76 -10.24 -3.30
N SER A 213 -6.10 -11.08 -4.03
CA SER A 213 -5.63 -12.33 -3.51
C SER A 213 -4.59 -12.10 -2.37
N LEU A 214 -3.69 -11.14 -2.52
CA LEU A 214 -2.71 -10.87 -1.45
C LEU A 214 -3.41 -10.39 -0.16
N CYS A 215 -4.38 -9.51 -0.29
CA CYS A 215 -5.13 -8.98 0.85
C CYS A 215 -5.93 -10.07 1.54
N SER A 216 -6.53 -10.96 0.76
CA SER A 216 -7.20 -12.17 1.31
C SER A 216 -6.27 -13.08 2.08
N GLN A 217 -5.14 -13.44 1.47
CA GLN A 217 -4.12 -14.20 2.16
C GLN A 217 -3.68 -13.55 3.50
N HIS A 218 -3.47 -12.22 3.52
CA HIS A 218 -3.26 -11.48 4.79
C HIS A 218 -4.36 -11.76 5.83
N VAL A 219 -5.61 -11.54 5.47
CA VAL A 219 -6.69 -11.70 6.38
C VAL A 219 -6.82 -13.14 6.88
N GLU A 220 -6.64 -14.14 6.04
CA GLU A 220 -6.77 -15.53 6.54
C GLU A 220 -5.62 -15.90 7.48
N ARG A 221 -4.43 -15.37 7.21
CA ARG A 221 -3.35 -15.56 8.11
C ARG A 221 -3.53 -14.85 9.47
N LEU A 222 -4.09 -13.67 9.47
CA LEU A 222 -4.44 -13.02 10.70
C LEU A 222 -5.46 -13.83 11.52
N GLN A 223 -6.44 -14.42 10.89
CA GLN A 223 -7.46 -15.14 11.65
C GLN A 223 -6.82 -16.36 12.28
N ILE A 224 -5.89 -16.97 11.60
CA ILE A 224 -5.13 -18.04 12.25
C ILE A 224 -4.29 -17.57 13.44
N PHE A 225 -3.55 -16.46 13.29
CA PHE A 225 -2.76 -15.93 14.41
C PHE A 225 -3.64 -15.51 15.58
N GLN A 226 -4.79 -14.87 15.33
CA GLN A 226 -5.57 -14.37 16.46
C GLN A 226 -6.31 -15.48 17.20
N HIS A 227 -6.53 -16.58 16.52
CA HIS A 227 -7.12 -17.76 17.13
C HIS A 227 -6.10 -18.35 18.11
N LEU A 228 -4.83 -18.42 17.73
CA LEU A 228 -3.79 -18.95 18.59
C LEU A 228 -3.25 -18.00 19.66
N HIS A 229 -3.47 -16.70 19.49
CA HIS A 229 -2.91 -15.69 20.37
C HIS A 229 -3.87 -14.53 20.59
N PRO A 230 -5.07 -14.83 21.08
CA PRO A 230 -6.05 -13.75 21.07
C PRO A 230 -5.77 -12.60 21.98
N ILE A 231 -5.08 -12.84 23.09
CA ILE A 231 -4.83 -11.79 24.06
C ILE A 231 -3.73 -10.92 23.49
N VAL A 232 -2.81 -11.53 22.78
CA VAL A 232 -1.76 -10.73 22.14
C VAL A 232 -2.33 -9.74 21.20
N VAL A 233 -3.25 -10.19 20.33
CA VAL A 233 -3.97 -9.26 19.46
C VAL A 233 -4.73 -8.15 20.25
N GLN A 234 -5.50 -8.56 21.25
CA GLN A 234 -6.21 -7.56 22.05
C GLN A 234 -5.28 -6.53 22.72
N ALA A 235 -4.20 -6.98 23.31
CA ALA A 235 -3.39 -6.10 24.12
C ALA A 235 -2.30 -5.32 23.38
N ALA A 236 -1.77 -5.88 22.28
CA ALA A 236 -0.53 -5.36 21.65
C ALA A 236 -0.53 -5.00 20.15
N PHE A 237 -1.59 -5.32 19.46
CA PHE A 237 -1.74 -4.85 18.07
C PHE A 237 -2.38 -3.48 18.02
N PRO A 238 -1.97 -2.63 17.05
CA PRO A 238 -2.53 -1.30 16.99
C PRO A 238 -4.06 -1.30 16.79
N PRO A 239 -4.72 -0.34 17.42
CA PRO A 239 -6.17 -0.19 17.22
C PRO A 239 -6.56 -0.06 15.72
N LEU A 240 -5.84 0.76 14.97
CA LEU A 240 -6.19 0.92 13.56
C LEU A 240 -6.12 -0.37 12.75
N TYR A 241 -5.08 -1.16 12.99
CA TYR A 241 -4.93 -2.45 12.39
C TYR A 241 -6.11 -3.31 12.68
N LYS A 242 -6.59 -3.34 13.94
CA LYS A 242 -7.72 -4.21 14.22
C LYS A 242 -8.99 -3.75 13.53
N GLU A 243 -9.16 -2.44 13.46
CA GLU A 243 -10.32 -1.83 12.82
C GLU A 243 -10.42 -2.18 11.31
N LEU A 244 -9.27 -2.25 10.64
CA LEU A 244 -9.25 -2.59 9.22
C LEU A 244 -9.32 -4.04 8.89
N PHE A 245 -8.72 -4.91 9.72
CA PHE A 245 -8.48 -6.29 9.36
C PHE A 245 -9.13 -7.43 10.17
N SER A 246 -9.58 -7.18 11.39
CA SER A 246 -10.01 -8.29 12.31
C SER A 246 -11.43 -8.81 12.08
N LYS B 3 -13.79 4.40 13.33
CA LYS B 3 -13.80 4.98 14.72
C LYS B 3 -12.47 5.71 15.03
N ILE B 4 -11.35 4.99 14.94
CA ILE B 4 -10.04 5.63 14.70
C ILE B 4 -10.09 6.25 13.30
N LEU B 5 -10.57 5.47 12.33
CA LEU B 5 -10.85 5.98 10.94
C LEU B 5 -11.72 7.25 10.89
N HIS B 6 -12.83 7.22 11.62
CA HIS B 6 -13.70 8.38 11.86
C HIS B 6 -12.83 9.57 12.30
N ARG B 7 -12.08 9.41 13.39
CA ARG B 7 -11.20 10.49 13.89
C ARG B 7 -10.14 10.94 12.89
N LEU B 8 -9.52 9.98 12.18
CA LEU B 8 -8.47 10.38 11.23
C LEU B 8 -9.09 11.14 10.11
N LEU B 9 -10.31 10.78 9.75
CA LEU B 9 -11.02 11.45 8.64
C LEU B 9 -11.56 12.82 9.04
N GLN B 10 -11.92 12.99 10.30
CA GLN B 10 -12.45 14.26 10.83
C GLN B 10 -11.34 15.25 11.13
N ASP B 11 -10.53 14.96 12.14
CA ASP B 11 -9.57 15.92 12.76
C ASP B 11 -9.09 17.06 11.87
O1 97I C . 3.38 -6.14 8.09
O2 97I C . 8.09 -3.68 2.53
O3 97I C . 8.14 1.02 5.26
O4 97I C . 1.56 -8.35 6.27
C5 97I C . 5.55 -5.28 4.61
C6 97I C . 5.45 -6.70 5.09
C7 97I C . 5.73 -4.17 5.83
C8 97I C . 5.99 -2.73 5.46
C9 97I C . 4.30 -6.89 6.10
C10 97I C . 7.25 -2.63 4.46
C11 97I C . 6.77 -5.11 3.70
C12 97I C . 4.52 -4.47 6.74
C13 97I C . 3.98 -8.51 6.06
C14 97I C . 4.48 -6.04 7.28
C15 97I C . 5.16 -7.80 3.92
C16 97I C . 6.98 -3.60 3.25
C17 97I C . 7.69 -1.16 4.14
C18 97I C . 3.79 -8.59 4.54
C19 97I C . 6.34 -1.91 6.72
C20 97I C . 4.29 -4.92 3.75
C21 97I C . 6.75 -7.22 5.79
C22 97I C . 4.78 -2.01 4.86
C23 97I C . 7.99 -0.36 5.49
C24 97I C . 2.77 -8.97 6.70
C25 97I C . 6.88 -0.52 6.50
C26 97I C . 9.04 -1.18 3.39
C27 97I C . 6.76 -0.31 3.28
C28 97I C . 2.98 -8.85 8.25
C29 97I C . 2.63 -10.49 6.31
C30 97I C . 1.77 -8.71 9.18
C31 97I C . 0.75 -9.66 8.63
C32 97I C . 0.91 -10.97 8.68
C33 97I C . 2.08 -11.67 9.35
C34 97I C . -0.18 -11.80 8.01
#